data_8IEB
#
_entry.id   8IEB
#
_cell.length_a   1.00
_cell.length_b   1.00
_cell.length_c   1.00
_cell.angle_alpha   90.00
_cell.angle_beta   90.00
_cell.angle_gamma   90.00
#
_symmetry.space_group_name_H-M   'P 1'
#
loop_
_entity.id
_entity.type
_entity.pdbx_description
1 polymer 'Probable G-protein coupled receptor 156'
2 non-polymer '[(2R)-3-[(E)-hexadec-9-enoyl]oxy-2-octadecanoyloxy-propyl] 2-(trimethylazaniumyl)ethyl phosphate'
#
_entity_poly.entity_id   1
_entity_poly.type   'polypeptide(L)'
_entity_poly.pdbx_seq_one_letter_code
;MEPEINCSELCDSFPGQELDRRPLHDLCKTTITSSHHSSKTISSLSPVLLGIVWTFLSCGLLLILFFLAFTIHCRKNRIV
KMSSPNLNIVTLLGSCLTYSSAYLFGIQDVLVGSSMETLIQTRLSMLCIGTSLVFGPILGKSWRLYKVFTQRVPDKRVII
KDLQLLGLVAALLMADVILLMTWVLTDPIQCLQILSVSMTVTGKDVSCTSTSTHFCASRYSDVWIALIWGCKGLLLLYGA
YLAGLTGHVSSPPVNQSLTIMVGVNLLVLAAGLLFVVTRYLHSWPNLVFGLTSGGIFVCTTTINCFIFIPQLKQWKAFEE
ENQTIRRMAKYFSTPNKSFHTQYGEEENCHPRGEKSSMERLLTEKNAVIESLQEQVNNAKEKIVRLMSAECTYDLPEGAA
PPASSPNKDVQAVASVHTLAAAQGPSGHLSDFQNDPGMAARDSQCTSGPSSYAQSLEGPGKDSSFSPGKEEKISDSKDFS
DHLDSGCSQKPWTEQSLGPERGDQVPMNPSQSLLPERGGSDPQRQRHLENSEEPPERRSRVSSVIREKLQEVLQDLGSGS
GSGRGRGGSENLYFQGGSGSGGDYKDDDDKDYKDDDDK
;
_entity_poly.pdbx_strand_id   A,B
#
loop_
_chem_comp.id
_chem_comp.type
_chem_comp.name
_chem_comp.formula
A1LYA non-polymer '[(2R)-3-[(E)-hexadec-9-enoyl]oxy-2-octadecanoyloxy-propyl] 2-(trimethylazaniumyl)ethyl phosphate' 'C42 H82 N O8 P'
#
# COMPACT_ATOMS: atom_id res chain seq x y z
N SER A 44 -7.61 3.44 34.01
CA SER A 44 -8.84 3.08 33.32
C SER A 44 -8.70 1.75 32.59
N LEU A 45 -7.52 1.16 32.70
CA LEU A 45 -7.24 -0.14 32.09
C LEU A 45 -7.41 -1.24 33.12
N SER A 46 -8.16 -2.28 32.76
CA SER A 46 -8.42 -3.38 33.68
C SER A 46 -7.13 -4.14 33.96
N PRO A 47 -6.87 -4.50 35.22
CA PRO A 47 -5.65 -5.27 35.53
C PRO A 47 -5.59 -6.64 34.87
N VAL A 48 -6.73 -7.28 34.65
CA VAL A 48 -6.72 -8.61 34.03
C VAL A 48 -6.24 -8.54 32.59
N LEU A 49 -6.74 -7.55 31.84
CA LEU A 49 -6.28 -7.35 30.46
C LEU A 49 -4.80 -7.00 30.42
N LEU A 50 -4.37 -6.15 31.34
CA LEU A 50 -2.96 -5.77 31.43
C LEU A 50 -2.08 -6.99 31.70
N GLY A 51 -2.51 -7.85 32.62
CA GLY A 51 -1.74 -9.04 32.93
C GLY A 51 -1.69 -10.03 31.78
N ILE A 52 -2.82 -10.23 31.09
CA ILE A 52 -2.86 -11.14 29.96
C ILE A 52 -1.92 -10.66 28.85
N VAL A 53 -1.99 -9.36 28.56
CA VAL A 53 -1.14 -8.78 27.52
C VAL A 53 0.34 -8.90 27.90
N TRP A 54 0.67 -8.59 29.15
CA TRP A 54 2.06 -8.63 29.58
C TRP A 54 2.61 -10.06 29.55
N THR A 55 1.79 -11.04 29.95
CA THR A 55 2.23 -12.43 29.88
C THR A 55 2.45 -12.88 28.44
N PHE A 56 1.56 -12.50 27.53
CA PHE A 56 1.74 -12.87 26.13
C PHE A 56 2.99 -12.23 25.53
N LEU A 57 3.22 -10.96 25.84
CA LEU A 57 4.40 -10.28 25.31
C LEU A 57 5.68 -10.82 25.94
N SER A 58 5.62 -11.24 27.21
CA SER A 58 6.78 -11.86 27.84
C SER A 58 7.09 -13.21 27.21
N CYS A 59 6.05 -13.98 26.88
CA CYS A 59 6.27 -15.24 26.18
C CYS A 59 6.90 -14.99 24.81
N GLY A 60 6.41 -13.96 24.10
CA GLY A 60 7.02 -13.60 22.83
C GLY A 60 8.47 -13.19 22.97
N LEU A 61 8.78 -12.39 24.00
CA LEU A 61 10.16 -11.95 24.22
C LEU A 61 11.07 -13.12 24.60
N LEU A 62 10.53 -14.08 25.36
CA LEU A 62 11.30 -15.27 25.69
C LEU A 62 11.60 -16.10 24.44
N LEU A 63 10.61 -16.21 23.54
CA LEU A 63 10.86 -16.89 22.26
C LEU A 63 11.90 -16.13 21.44
N ILE A 64 11.86 -14.80 21.50
CA ILE A 64 12.83 -13.97 20.78
C ILE A 64 14.23 -14.21 21.34
N LEU A 65 14.36 -14.27 22.66
CA LEU A 65 15.66 -14.54 23.27
C LEU A 65 16.15 -15.95 22.94
N PHE A 66 15.24 -16.91 22.89
CA PHE A 66 15.62 -18.27 22.50
C PHE A 66 16.13 -18.33 21.07
N PHE A 67 15.44 -17.63 20.16
CA PHE A 67 15.90 -17.56 18.78
C PHE A 67 17.26 -16.87 18.68
N LEU A 68 17.44 -15.80 19.46
CA LEU A 68 18.71 -15.08 19.46
C LEU A 68 19.84 -15.96 19.97
N ALA A 69 19.59 -16.72 21.03
CA ALA A 69 20.61 -17.63 21.54
C ALA A 69 20.93 -18.73 20.54
N PHE A 70 19.91 -19.26 19.87
CA PHE A 70 20.12 -20.30 18.88
C PHE A 70 20.96 -19.80 17.71
N THR A 71 20.66 -18.59 17.23
CA THR A 71 21.38 -18.06 16.08
C THR A 71 22.70 -17.41 16.46
N ILE A 72 22.95 -17.17 17.75
CA ILE A 72 24.26 -16.68 18.17
C ILE A 72 25.17 -17.80 18.65
N HIS A 73 24.64 -18.98 18.93
CA HIS A 73 25.46 -20.11 19.35
C HIS A 73 25.85 -21.00 18.18
N CYS A 74 24.88 -21.37 17.35
CA CYS A 74 25.13 -22.25 16.21
C CYS A 74 25.55 -21.44 14.98
N ARG A 75 26.56 -20.60 15.13
CA ARG A 75 27.02 -19.78 14.01
C ARG A 75 27.74 -20.63 12.97
N LYS A 76 28.54 -21.60 13.42
CA LYS A 76 29.34 -22.39 12.50
C LYS A 76 28.58 -23.58 11.92
N ASN A 77 27.36 -23.83 12.39
CA ASN A 77 26.55 -24.88 11.80
C ASN A 77 26.20 -24.55 10.36
N ARG A 78 26.21 -25.56 9.50
CA ARG A 78 26.03 -25.35 8.07
C ARG A 78 24.65 -24.78 7.75
N ILE A 79 23.61 -25.29 8.41
CA ILE A 79 22.24 -24.85 8.13
C ILE A 79 22.06 -23.39 8.53
N VAL A 80 22.55 -23.03 9.71
CA VAL A 80 22.36 -21.66 10.18
C VAL A 80 23.27 -20.70 9.43
N LYS A 81 24.49 -21.13 9.09
CA LYS A 81 25.39 -20.27 8.32
C LYS A 81 24.87 -20.06 6.90
N MET A 82 24.14 -21.03 6.36
CA MET A 82 23.54 -20.88 5.04
C MET A 82 22.45 -19.83 5.00
N SER A 83 21.90 -19.43 6.15
CA SER A 83 20.81 -18.48 6.22
C SER A 83 21.23 -17.17 6.89
N SER A 84 22.50 -16.77 6.72
CA SER A 84 23.06 -15.49 7.14
C SER A 84 22.80 -15.18 8.61
N PRO A 85 23.51 -15.84 9.54
CA PRO A 85 23.20 -15.64 10.97
C PRO A 85 23.46 -14.23 11.47
N ASN A 86 24.44 -13.53 10.91
CA ASN A 86 24.75 -12.19 11.40
C ASN A 86 23.71 -11.15 10.99
N LEU A 87 22.94 -11.42 9.94
CA LEU A 87 21.85 -10.51 9.56
C LEU A 87 20.64 -10.68 10.47
N ASN A 88 20.43 -11.90 10.98
CA ASN A 88 19.22 -12.18 11.74
C ASN A 88 19.24 -11.53 13.11
N ILE A 89 20.42 -11.17 13.63
CA ILE A 89 20.50 -10.45 14.90
C ILE A 89 19.78 -9.11 14.80
N VAL A 90 19.87 -8.48 13.63
CA VAL A 90 19.14 -7.23 13.39
C VAL A 90 17.64 -7.47 13.47
N THR A 91 17.17 -8.59 12.91
CA THR A 91 15.75 -8.91 12.99
C THR A 91 15.31 -9.14 14.43
N LEU A 92 16.14 -9.83 15.21
CA LEU A 92 15.79 -10.05 16.62
C LEU A 92 15.78 -8.74 17.41
N LEU A 93 16.72 -7.84 17.11
CA LEU A 93 16.74 -6.55 17.79
C LEU A 93 15.51 -5.73 17.43
N GLY A 94 15.12 -5.75 16.16
CA GLY A 94 13.89 -5.08 15.78
C GLY A 94 12.67 -5.69 16.44
N SER A 95 12.66 -7.02 16.56
CA SER A 95 11.54 -7.70 17.20
C SER A 95 11.42 -7.34 18.67
N CYS A 96 12.55 -7.31 19.38
CA CYS A 96 12.51 -6.94 20.79
C CYS A 96 12.17 -5.47 20.96
N LEU A 97 12.57 -4.62 20.01
CA LEU A 97 12.19 -3.22 20.05
C LEU A 97 10.68 -3.06 19.89
N THR A 98 10.08 -3.81 18.96
CA THR A 98 8.63 -3.77 18.79
C THR A 98 7.91 -4.28 20.03
N TYR A 99 8.44 -5.34 20.66
CA TYR A 99 7.81 -5.85 21.88
C TYR A 99 7.92 -4.84 23.02
N SER A 100 9.04 -4.13 23.12
CA SER A 100 9.16 -3.08 24.13
C SER A 100 8.19 -1.94 23.88
N SER A 101 7.99 -1.58 22.60
CA SER A 101 7.00 -0.56 22.27
C SER A 101 5.59 -1.02 22.64
N ALA A 102 5.30 -2.29 22.39
CA ALA A 102 3.99 -2.84 22.77
C ALA A 102 3.79 -2.79 24.28
N TYR A 103 4.86 -3.04 25.04
CA TYR A 103 4.82 -2.82 26.49
C TYR A 103 4.51 -1.36 26.79
N LEU A 104 5.20 -0.44 26.12
CA LEU A 104 5.06 0.99 26.42
C LEU A 104 3.67 1.52 26.07
N PHE A 105 2.92 0.84 25.20
CA PHE A 105 1.50 1.16 25.08
C PHE A 105 0.70 0.85 26.34
N GLY A 106 1.27 0.11 27.30
CA GLY A 106 0.49 -0.36 28.42
C GLY A 106 0.50 0.52 29.65
N ILE A 107 0.92 1.78 29.51
CA ILE A 107 0.94 2.72 30.62
C ILE A 107 0.27 4.01 30.20
N GLN A 108 -0.59 4.53 31.07
CA GLN A 108 -1.28 5.79 30.85
C GLN A 108 -1.21 6.60 32.13
N ASP A 109 -1.82 7.80 32.08
CA ASP A 109 -1.92 8.72 33.23
C ASP A 109 -0.55 9.10 33.78
N VAL A 110 0.21 9.81 32.94
CA VAL A 110 1.59 10.31 33.17
C VAL A 110 2.48 9.37 33.99
N SER A 114 2.12 15.56 32.79
CA SER A 114 2.06 16.29 31.53
C SER A 114 3.13 15.79 30.56
N SER A 115 3.56 14.55 30.75
CA SER A 115 4.57 13.93 29.90
C SER A 115 4.00 12.78 29.07
N MET A 116 2.70 12.81 28.78
CA MET A 116 2.13 11.81 27.87
C MET A 116 2.66 11.96 26.45
N GLU A 117 2.99 13.20 26.06
CA GLU A 117 3.46 13.46 24.71
C GLU A 117 4.77 12.74 24.44
N THR A 118 5.70 12.80 25.38
CA THR A 118 6.96 12.09 25.25
C THR A 118 6.73 10.58 25.21
N LEU A 119 5.75 10.10 25.99
CA LEU A 119 5.42 8.68 25.99
C LEU A 119 4.95 8.22 24.62
N ILE A 120 4.02 8.97 24.00
CA ILE A 120 3.49 8.56 22.71
C ILE A 120 4.55 8.68 21.63
N GLN A 121 5.36 9.73 21.69
CA GLN A 121 6.43 9.89 20.71
C GLN A 121 7.44 8.76 20.79
N THR A 122 7.85 8.39 22.02
CA THR A 122 8.80 7.30 22.20
C THR A 122 8.23 5.98 21.72
N ARG A 123 6.98 5.69 22.03
CA ARG A 123 6.44 4.39 21.63
C ARG A 123 6.21 4.30 20.13
N LEU A 124 5.76 5.40 19.49
CA LEU A 124 5.56 5.37 18.04
C LEU A 124 6.90 5.32 17.31
N SER A 125 7.89 6.09 17.76
CA SER A 125 9.20 6.04 17.12
C SER A 125 9.85 4.69 17.33
N MET A 126 9.63 4.08 18.49
CA MET A 126 10.17 2.76 18.77
C MET A 126 9.53 1.72 17.86
N LEU A 127 8.22 1.81 17.63
CA LEU A 127 7.56 0.90 16.71
C LEU A 127 8.06 1.08 15.28
N CYS A 128 8.26 2.33 14.86
CA CYS A 128 8.75 2.59 13.50
C CYS A 128 10.16 2.03 13.30
N ILE A 129 11.06 2.30 14.23
CA ILE A 129 12.43 1.80 14.12
C ILE A 129 12.43 0.27 14.21
N GLY A 130 11.54 -0.30 15.03
CA GLY A 130 11.48 -1.74 15.16
C GLY A 130 11.03 -2.43 13.90
N THR A 131 9.98 -1.92 13.25
CA THR A 131 9.52 -2.56 12.03
C THR A 131 10.50 -2.32 10.89
N SER A 132 11.21 -1.19 10.92
CA SER A 132 12.29 -0.95 9.98
C SER A 132 13.40 -1.98 10.12
N LEU A 133 13.81 -2.25 11.37
CA LEU A 133 14.87 -3.22 11.60
C LEU A 133 14.41 -4.65 11.37
N VAL A 134 13.12 -4.92 11.53
CA VAL A 134 12.61 -6.25 11.22
C VAL A 134 12.60 -6.49 9.72
N PHE A 135 12.12 -5.52 8.94
CA PHE A 135 11.95 -5.73 7.51
C PHE A 135 13.16 -5.34 6.68
N GLY A 136 14.22 -4.81 7.27
CA GLY A 136 15.44 -4.58 6.53
C GLY A 136 16.14 -5.84 6.04
N PRO A 137 16.64 -6.65 6.98
CA PRO A 137 17.44 -7.83 6.59
C PRO A 137 16.72 -8.86 5.75
N ILE A 138 15.39 -8.95 5.83
CA ILE A 138 14.68 -9.92 5.00
C ILE A 138 14.78 -9.53 3.53
N LEU A 139 14.50 -8.26 3.22
CA LEU A 139 14.68 -7.78 1.86
C LEU A 139 16.14 -7.81 1.43
N GLY A 140 17.07 -7.57 2.37
CA GLY A 140 18.48 -7.66 2.03
C GLY A 140 18.90 -9.07 1.64
N LYS A 141 18.46 -10.07 2.41
CA LYS A 141 18.74 -11.46 2.09
C LYS A 141 18.10 -11.85 0.77
N SER A 142 16.87 -11.38 0.52
CA SER A 142 16.21 -11.68 -0.74
C SER A 142 16.95 -11.05 -1.92
N TRP A 143 17.45 -9.83 -1.75
CA TRP A 143 18.20 -9.16 -2.80
C TRP A 143 19.51 -9.89 -3.09
N ARG A 144 20.21 -10.32 -2.04
CA ARG A 144 21.46 -11.05 -2.24
C ARG A 144 21.20 -12.40 -2.90
N LEU A 145 20.12 -13.08 -2.51
CA LEU A 145 19.78 -14.36 -3.13
C LEU A 145 19.43 -14.17 -4.61
N TYR A 146 18.69 -13.11 -4.94
CA TYR A 146 18.37 -12.84 -6.34
C TYR A 146 19.62 -12.54 -7.15
N LYS A 147 20.54 -11.76 -6.58
CA LYS A 147 21.76 -11.42 -7.32
C LYS A 147 22.63 -12.65 -7.53
N VAL A 148 22.79 -13.49 -6.51
CA VAL A 148 23.63 -14.68 -6.68
C VAL A 148 22.94 -15.71 -7.56
N PHE A 149 21.61 -15.66 -7.67
CA PHE A 149 20.93 -16.55 -8.60
C PHE A 149 21.07 -16.07 -10.04
N THR A 150 21.00 -14.76 -10.27
CA THR A 150 20.94 -14.23 -11.63
C THR A 150 22.32 -13.90 -12.19
N GLN A 151 23.06 -13.00 -11.52
CA GLN A 151 24.30 -12.48 -12.08
C GLN A 151 25.44 -13.50 -12.08
N ARG A 152 25.31 -14.59 -11.32
CA ARG A 152 26.36 -15.60 -11.33
C ARG A 152 26.30 -16.48 -12.57
N VAL A 153 25.16 -16.50 -13.27
CA VAL A 153 25.05 -17.29 -14.50
C VAL A 153 25.98 -16.79 -15.61
N PRO A 154 26.04 -15.48 -15.93
CA PRO A 154 27.09 -15.05 -16.87
C PRO A 154 28.50 -15.26 -16.38
N ASP A 155 28.73 -15.18 -15.07
CA ASP A 155 30.06 -15.36 -14.51
C ASP A 155 30.37 -16.84 -14.30
N ILE A 159 29.60 -11.13 -5.83
CA ILE A 159 29.54 -11.52 -4.43
C ILE A 159 29.26 -10.31 -3.56
N ILE A 160 28.23 -10.41 -2.73
CA ILE A 160 27.82 -9.35 -1.82
C ILE A 160 28.09 -9.83 -0.40
N LYS A 161 28.79 -9.01 0.37
CA LYS A 161 29.07 -9.33 1.77
C LYS A 161 27.93 -8.84 2.66
N ASP A 162 27.94 -9.30 3.92
CA ASP A 162 26.90 -8.91 4.86
C ASP A 162 27.01 -7.43 5.23
N LEU A 163 28.20 -6.85 5.07
CA LEU A 163 28.39 -5.44 5.38
C LEU A 163 27.61 -4.56 4.40
N GLN A 164 27.52 -4.97 3.14
CA GLN A 164 26.77 -4.19 2.15
C GLN A 164 25.29 -4.18 2.46
N LEU A 165 24.73 -5.34 2.83
CA LEU A 165 23.33 -5.40 3.22
C LEU A 165 23.09 -4.63 4.51
N LEU A 166 24.04 -4.67 5.44
CA LEU A 166 23.91 -3.85 6.65
C LEU A 166 24.00 -2.37 6.34
N GLY A 167 24.77 -1.99 5.32
CA GLY A 167 24.80 -0.60 4.91
C GLY A 167 23.50 -0.14 4.31
N LEU A 168 22.87 -1.00 3.49
CA LEU A 168 21.53 -0.69 2.98
C LEU A 168 20.52 -0.57 4.11
N VAL A 169 20.61 -1.48 5.09
CA VAL A 169 19.73 -1.42 6.25
C VAL A 169 19.97 -0.13 7.04
N ALA A 170 21.23 0.26 7.21
CA ALA A 170 21.54 1.48 7.94
C ALA A 170 21.03 2.72 7.21
N ALA A 171 21.09 2.73 5.88
CA ALA A 171 20.52 3.83 5.12
C ALA A 171 19.00 3.89 5.31
N LEU A 172 18.35 2.73 5.33
CA LEU A 172 16.91 2.68 5.55
C LEU A 172 16.55 3.20 6.94
N LEU A 173 17.32 2.80 7.95
CA LEU A 173 17.13 3.32 9.30
C LEU A 173 17.38 4.82 9.38
N MET A 174 18.38 5.33 8.66
CA MET A 174 18.65 6.76 8.67
C MET A 174 17.50 7.53 8.04
N ALA A 175 16.90 6.98 6.99
CA ALA A 175 15.70 7.56 6.42
C ALA A 175 14.58 7.62 7.44
N ASP A 176 14.39 6.52 8.18
CA ASP A 176 13.35 6.51 9.21
C ASP A 176 13.66 7.52 10.32
N VAL A 177 14.94 7.67 10.66
CA VAL A 177 15.36 8.59 11.71
C VAL A 177 15.08 10.04 11.32
N ILE A 178 15.41 10.42 10.08
CA ILE A 178 15.15 11.80 9.67
C ILE A 178 13.65 12.05 9.51
N LEU A 179 12.91 11.05 9.02
CA LEU A 179 11.46 11.19 8.90
C LEU A 179 10.78 11.29 10.26
N LEU A 180 11.38 10.73 11.31
CA LEU A 180 10.81 10.91 12.65
C LEU A 180 11.31 12.20 13.31
N MET A 181 12.54 12.61 12.99
CA MET A 181 13.08 13.83 13.57
C MET A 181 12.33 15.05 13.06
N THR A 182 11.95 15.07 11.79
CA THR A 182 11.19 16.21 11.27
C THR A 182 9.81 16.29 11.93
N TRP A 183 9.21 15.15 12.28
CA TRP A 183 7.93 15.17 12.97
C TRP A 183 8.08 15.67 14.40
N VAL A 184 9.08 15.16 15.12
CA VAL A 184 9.22 15.57 16.51
C VAL A 184 9.79 16.97 16.64
N LEU A 185 10.30 17.56 15.54
CA LEU A 185 10.82 18.92 15.61
C LEU A 185 9.86 19.97 15.03
N THR A 186 9.07 19.63 14.02
CA THR A 186 8.23 20.64 13.38
C THR A 186 6.95 20.89 14.17
N ASP A 187 6.10 19.88 14.29
CA ASP A 187 4.89 19.97 15.11
C ASP A 187 4.87 18.83 16.11
N PRO A 188 4.94 19.11 17.40
CA PRO A 188 4.94 18.04 18.39
C PRO A 188 3.56 17.42 18.55
N ILE A 189 3.44 16.51 19.52
CA ILE A 189 2.24 15.70 19.68
C ILE A 189 1.49 16.22 20.90
N GLN A 190 1.59 17.54 21.10
CA GLN A 190 1.05 18.27 22.24
C GLN A 190 -0.41 17.93 22.53
N CYS A 191 -0.69 17.60 23.79
CA CYS A 191 -2.03 17.25 24.22
C CYS A 191 -2.76 18.51 24.66
N LEU A 192 -3.97 18.70 24.17
CA LEU A 192 -4.77 19.87 24.47
C LEU A 192 -6.15 19.45 24.93
N GLN A 193 -6.70 20.21 25.87
CA GLN A 193 -8.08 20.01 26.31
C GLN A 193 -8.97 20.95 25.50
N ILE A 194 -9.83 20.37 24.68
CA ILE A 194 -10.68 21.11 23.76
C ILE A 194 -12.11 21.05 24.29
N LEU A 195 -12.69 22.21 24.56
CA LEU A 195 -14.11 22.34 24.83
C LEU A 195 -14.71 23.29 23.81
N SER A 196 -15.79 22.84 23.17
CA SER A 196 -16.36 23.61 22.06
C SER A 196 -17.84 23.31 21.95
N VAL A 197 -18.56 24.25 21.37
CA VAL A 197 -19.97 24.10 21.04
C VAL A 197 -20.12 24.22 19.53
N SER A 198 -20.83 23.28 18.92
CA SER A 198 -20.95 23.20 17.47
C SER A 198 -22.42 23.23 17.08
N MET A 199 -22.75 24.03 16.09
CA MET A 199 -24.10 24.12 15.55
C MET A 199 -24.15 23.39 14.21
N THR A 200 -25.07 22.43 14.10
CA THR A 200 -25.20 21.60 12.90
C THR A 200 -26.39 22.09 12.08
N VAL A 201 -26.10 22.69 10.93
CA VAL A 201 -27.11 23.15 9.98
C VAL A 201 -26.77 22.49 8.65
N THR A 202 -27.51 21.44 8.29
CA THR A 202 -27.31 20.74 7.03
C THR A 202 -28.21 21.25 5.92
N GLY A 203 -29.02 22.28 6.18
CA GLY A 203 -29.95 22.82 5.22
C GLY A 203 -31.38 22.41 5.43
N LYS A 204 -31.65 21.45 6.32
CA LYS A 204 -33.01 21.01 6.62
C LYS A 204 -33.38 21.14 8.08
N ASP A 205 -32.42 21.10 9.01
CA ASP A 205 -32.70 21.28 10.42
C ASP A 205 -31.47 21.89 11.09
N VAL A 206 -31.72 22.51 12.24
CA VAL A 206 -30.68 23.19 13.01
C VAL A 206 -30.59 22.52 14.37
N SER A 207 -29.38 22.13 14.76
CA SER A 207 -29.16 21.52 16.07
C SER A 207 -27.80 21.98 16.59
N CYS A 208 -27.64 21.92 17.92
CA CYS A 208 -26.44 22.36 18.59
C CYS A 208 -25.86 21.22 19.41
N THR A 209 -24.53 21.13 19.43
CA THR A 209 -23.82 20.10 20.17
C THR A 209 -22.66 20.72 20.93
N SER A 210 -22.56 20.39 22.22
CA SER A 210 -21.46 20.84 23.08
C SER A 210 -20.56 19.63 23.33
N THR A 211 -19.36 19.67 22.76
CA THR A 211 -18.41 18.57 22.86
C THR A 211 -17.19 19.01 23.64
N SER A 212 -16.76 18.18 24.58
CA SER A 212 -15.53 18.39 25.35
C SER A 212 -14.64 17.19 25.07
N THR A 213 -13.83 17.28 24.01
CA THR A 213 -13.01 16.17 23.55
C THR A 213 -11.57 16.39 23.98
N HIS A 214 -10.96 15.36 24.54
CA HIS A 214 -9.56 15.36 24.92
C HIS A 214 -8.83 14.29 24.14
N PHE A 215 -7.75 14.68 23.47
CA PHE A 215 -6.96 13.75 22.68
C PHE A 215 -5.53 14.27 22.59
N CYS A 216 -4.63 13.39 22.19
CA CYS A 216 -3.22 13.72 22.01
C CYS A 216 -2.83 13.45 20.58
N ALA A 217 -2.67 14.51 19.78
CA ALA A 217 -2.38 14.37 18.37
C ALA A 217 -1.65 15.61 17.87
N SER A 218 -0.96 15.44 16.75
CA SER A 218 -0.23 16.53 16.14
C SER A 218 -1.18 17.53 15.49
N ARG A 219 -0.62 18.65 15.05
CA ARG A 219 -1.43 19.65 14.35
C ARG A 219 -1.90 19.10 13.01
N TYR A 220 -1.00 18.45 12.26
CA TYR A 220 -1.35 17.77 11.01
C TYR A 220 -0.89 16.33 11.16
N SER A 221 -1.73 15.50 11.80
CA SER A 221 -1.33 14.12 12.05
C SER A 221 -1.42 13.29 10.77
N ASP A 222 -2.35 13.65 9.89
CA ASP A 222 -2.56 12.86 8.69
C ASP A 222 -1.39 12.96 7.73
N VAL A 223 -0.68 14.10 7.70
CA VAL A 223 0.51 14.23 6.88
C VAL A 223 1.57 13.23 7.32
N TRP A 224 1.80 13.13 8.63
CA TRP A 224 2.86 12.27 9.12
C TRP A 224 2.49 10.80 8.99
N ILE A 225 1.24 10.44 9.28
CA ILE A 225 0.84 9.03 9.10
C ILE A 225 0.86 8.66 7.63
N ALA A 226 0.48 9.60 6.75
CA ALA A 226 0.48 9.31 5.32
C ALA A 226 1.90 9.16 4.79
N LEU A 227 2.83 9.97 5.30
CA LEU A 227 4.19 9.92 4.79
C LEU A 227 4.93 8.68 5.30
N ILE A 228 4.72 8.31 6.57
CA ILE A 228 5.32 7.09 7.08
C ILE A 228 4.69 5.86 6.42
N TRP A 229 3.36 5.84 6.29
CA TRP A 229 2.66 4.83 5.51
C TRP A 229 3.22 4.72 4.10
N GLY A 230 3.48 5.85 3.45
CA GLY A 230 3.96 5.82 2.08
C GLY A 230 5.35 5.24 1.96
N CYS A 231 6.26 5.66 2.85
CA CYS A 231 7.62 5.13 2.79
C CYS A 231 7.65 3.64 3.08
N LYS A 232 6.92 3.21 4.12
CA LYS A 232 6.88 1.79 4.45
C LYS A 232 6.15 0.99 3.37
N GLY A 233 5.14 1.59 2.75
CA GLY A 233 4.42 0.89 1.69
C GLY A 233 5.26 0.71 0.44
N LEU A 234 6.04 1.72 0.08
CA LEU A 234 6.97 1.55 -1.04
C LEU A 234 8.01 0.48 -0.72
N LEU A 235 8.48 0.46 0.53
CA LEU A 235 9.43 -0.57 0.94
C LEU A 235 8.82 -1.96 0.85
N LEU A 236 7.57 -2.11 1.29
CA LEU A 236 6.91 -3.41 1.22
C LEU A 236 6.58 -3.79 -0.21
N LEU A 237 6.35 -2.82 -1.09
CA LEU A 237 6.12 -3.11 -2.49
C LEU A 237 7.38 -3.67 -3.15
N TYR A 238 8.52 -3.03 -2.91
CA TYR A 238 9.76 -3.59 -3.42
C TYR A 238 10.09 -4.92 -2.76
N GLY A 239 9.66 -5.11 -1.51
CA GLY A 239 9.83 -6.40 -0.88
C GLY A 239 9.01 -7.49 -1.54
N ALA A 240 7.77 -7.17 -1.90
CA ALA A 240 6.94 -8.14 -2.62
C ALA A 240 7.53 -8.43 -4.01
N TYR A 241 8.09 -7.41 -4.65
CA TYR A 241 8.76 -7.63 -5.93
C TYR A 241 9.95 -8.56 -5.79
N LEU A 242 10.75 -8.37 -4.73
CA LEU A 242 11.88 -9.26 -4.49
C LEU A 242 11.43 -10.66 -4.09
N ALA A 243 10.29 -10.76 -3.41
CA ALA A 243 9.71 -12.07 -3.11
C ALA A 243 9.33 -12.80 -4.37
N GLY A 244 8.73 -12.08 -5.32
CA GLY A 244 8.43 -12.69 -6.61
C GLY A 244 9.69 -13.08 -7.37
N LEU A 245 10.72 -12.23 -7.32
CA LEU A 245 11.95 -12.52 -8.03
C LEU A 245 12.63 -13.77 -7.47
N THR A 246 12.66 -13.89 -6.15
CA THR A 246 13.18 -15.09 -5.49
C THR A 246 12.07 -16.09 -5.23
N GLY A 247 11.31 -16.42 -6.27
CA GLY A 247 10.22 -17.38 -6.15
C GLY A 247 10.68 -18.73 -6.64
N HIS A 248 10.36 -19.76 -5.85
CA HIS A 248 10.79 -21.15 -6.00
C HIS A 248 12.25 -21.27 -6.42
N VAL A 249 13.10 -20.44 -5.83
CA VAL A 249 14.53 -20.44 -6.13
C VAL A 249 15.29 -21.44 -5.27
N SER A 250 15.04 -21.44 -3.97
CA SER A 250 15.77 -22.33 -3.07
C SER A 250 14.84 -22.76 -1.94
N SER A 251 15.42 -23.45 -0.96
CA SER A 251 14.67 -23.97 0.16
C SER A 251 14.20 -22.86 1.10
N PRO A 252 13.06 -23.04 1.76
CA PRO A 252 12.51 -21.99 2.65
C PRO A 252 13.40 -21.61 3.82
N PRO A 253 14.33 -22.46 4.31
CA PRO A 253 15.33 -21.94 5.25
C PRO A 253 16.17 -20.79 4.71
N VAL A 254 16.51 -20.81 3.42
CA VAL A 254 17.29 -19.73 2.84
C VAL A 254 16.46 -18.84 1.91
N ASN A 255 15.36 -19.33 1.36
CA ASN A 255 14.47 -18.53 0.53
C ASN A 255 13.41 -17.92 1.42
N GLN A 256 13.40 -16.59 1.50
CA GLN A 256 12.40 -15.84 2.27
C GLN A 256 11.40 -15.26 1.28
N SER A 257 10.40 -16.06 0.94
CA SER A 257 9.35 -15.64 0.01
C SER A 257 7.97 -15.67 0.62
N LEU A 258 7.61 -16.76 1.32
CA LEU A 258 6.34 -16.80 2.02
C LEU A 258 6.38 -15.91 3.25
N THR A 259 7.54 -15.84 3.91
CA THR A 259 7.71 -15.05 5.12
C THR A 259 7.42 -13.59 4.85
N ILE A 260 8.05 -13.04 3.81
CA ILE A 260 7.90 -11.63 3.49
C ILE A 260 6.49 -11.33 2.98
N MET A 261 5.88 -12.26 2.24
CA MET A 261 4.53 -12.02 1.73
C MET A 261 3.51 -11.99 2.86
N VAL A 262 3.56 -12.97 3.77
CA VAL A 262 2.61 -12.97 4.88
C VAL A 262 2.90 -11.82 5.83
N GLY A 263 4.18 -11.43 5.95
CA GLY A 263 4.51 -10.28 6.79
C GLY A 263 3.98 -8.98 6.24
N VAL A 264 4.09 -8.79 4.92
CA VAL A 264 3.61 -7.57 4.30
C VAL A 264 2.08 -7.50 4.36
N ASN A 265 1.41 -8.61 4.07
CA ASN A 265 -0.05 -8.62 4.15
C ASN A 265 -0.54 -8.38 5.57
N LEU A 266 0.09 -9.02 6.55
CA LEU A 266 -0.31 -8.84 7.94
C LEU A 266 -0.01 -7.44 8.43
N LEU A 267 1.11 -6.86 7.98
CA LEU A 267 1.43 -5.48 8.34
C LEU A 267 0.41 -4.50 7.79
N VAL A 268 -0.02 -4.71 6.53
CA VAL A 268 -1.02 -3.82 5.94
C VAL A 268 -2.34 -3.92 6.69
N LEU A 269 -2.82 -5.16 6.92
CA LEU A 269 -4.11 -5.31 7.59
C LEU A 269 -4.06 -4.84 9.02
N ALA A 270 -2.95 -5.12 9.73
CA ALA A 270 -2.81 -4.68 11.11
C ALA A 270 -2.74 -3.17 11.21
N ALA A 271 -2.00 -2.52 10.31
CA ALA A 271 -1.90 -1.06 10.34
C ALA A 271 -3.25 -0.42 10.07
N GLY A 272 -3.98 -0.92 9.08
CA GLY A 272 -5.30 -0.37 8.80
C GLY A 272 -6.27 -0.55 9.97
N LEU A 273 -6.31 -1.76 10.53
CA LEU A 273 -7.23 -2.04 11.63
C LEU A 273 -6.88 -1.21 12.86
N LEU A 274 -5.59 -1.08 13.18
CA LEU A 274 -5.20 -0.38 14.39
C LEU A 274 -5.37 1.12 14.24
N PHE A 275 -5.14 1.66 13.04
CA PHE A 275 -5.43 3.07 12.81
C PHE A 275 -6.92 3.36 12.92
N VAL A 276 -7.76 2.46 12.39
CA VAL A 276 -9.20 2.65 12.50
C VAL A 276 -9.65 2.60 13.96
N VAL A 277 -9.18 1.61 14.72
CA VAL A 277 -9.64 1.51 16.11
C VAL A 277 -8.98 2.54 17.01
N THR A 278 -7.89 3.17 16.57
CA THR A 278 -7.31 4.25 17.35
C THR A 278 -7.98 5.59 17.09
N ARG A 279 -8.37 5.86 15.84
CA ARG A 279 -8.93 7.16 15.51
C ARG A 279 -10.35 7.36 16.01
N TYR A 280 -11.21 6.35 15.91
CA TYR A 280 -12.65 6.54 16.13
C TYR A 280 -13.12 6.05 17.49
N LEU A 281 -12.77 4.81 17.85
CA LEU A 281 -13.23 4.23 19.11
C LEU A 281 -12.22 4.46 20.23
N HIS A 282 -11.82 5.72 20.39
CA HIS A 282 -10.90 6.08 21.46
C HIS A 282 -11.56 6.08 22.83
N SER A 283 -12.90 6.02 22.89
CA SER A 283 -13.62 5.91 24.16
C SER A 283 -13.73 4.47 24.62
N TRP A 284 -12.97 3.57 24.00
CA TRP A 284 -12.90 2.16 24.39
C TRP A 284 -11.44 1.84 24.66
N PRO A 285 -10.87 2.35 25.75
CA PRO A 285 -9.42 2.26 25.94
C PRO A 285 -8.90 0.84 26.08
N ASN A 286 -9.67 -0.02 26.73
CA ASN A 286 -9.29 -1.42 26.85
C ASN A 286 -9.21 -2.07 25.48
N LEU A 287 -10.19 -1.78 24.63
CA LEU A 287 -10.21 -2.34 23.28
C LEU A 287 -9.03 -1.84 22.47
N VAL A 288 -8.71 -0.54 22.57
CA VAL A 288 -7.61 0.02 21.78
C VAL A 288 -6.29 -0.56 22.21
N PHE A 289 -6.05 -0.61 23.53
CA PHE A 289 -4.79 -1.16 24.04
C PHE A 289 -4.66 -2.65 23.71
N GLY A 290 -5.73 -3.42 23.92
CA GLY A 290 -5.68 -4.83 23.63
C GLY A 290 -5.47 -5.12 22.17
N LEU A 291 -6.14 -4.38 21.29
CA LEU A 291 -6.00 -4.60 19.86
C LEU A 291 -4.63 -4.17 19.36
N THR A 292 -4.09 -3.07 19.87
CA THR A 292 -2.75 -2.63 19.45
C THR A 292 -1.69 -3.65 19.89
N SER A 293 -1.75 -4.06 21.15
CA SER A 293 -0.78 -5.04 21.64
C SER A 293 -0.94 -6.37 20.93
N GLY A 294 -2.18 -6.78 20.66
CA GLY A 294 -2.40 -8.03 19.96
C GLY A 294 -1.90 -7.99 18.53
N GLY A 295 -2.12 -6.89 17.82
CA GLY A 295 -1.64 -6.78 16.46
C GLY A 295 -0.12 -6.80 16.38
N ILE A 296 0.52 -6.06 17.28
CA ILE A 296 1.98 -6.03 17.31
C ILE A 296 2.53 -7.42 17.66
N PHE A 297 1.91 -8.08 18.64
CA PHE A 297 2.38 -9.40 19.06
C PHE A 297 2.23 -10.43 17.94
N VAL A 298 1.05 -10.47 17.32
CA VAL A 298 0.79 -11.44 16.25
C VAL A 298 1.73 -11.20 15.08
N CYS A 299 1.92 -9.94 14.68
CA CYS A 299 2.80 -9.66 13.56
C CYS A 299 4.25 -10.05 13.88
N THR A 300 4.79 -9.56 15.00
CA THR A 300 6.20 -9.80 15.30
C THR A 300 6.48 -11.29 15.45
N THR A 301 5.58 -12.00 16.15
CA THR A 301 5.75 -13.43 16.34
C THR A 301 5.63 -14.18 15.02
N THR A 302 4.72 -13.75 14.14
CA THR A 302 4.51 -14.45 12.88
C THR A 302 5.72 -14.36 11.97
N ILE A 303 6.25 -13.15 11.76
CA ILE A 303 7.46 -13.03 10.93
C ILE A 303 8.63 -13.74 11.59
N ASN A 304 8.81 -13.63 12.91
CA ASN A 304 9.96 -14.30 13.54
C ASN A 304 9.82 -15.83 13.47
N CYS A 305 8.59 -16.34 13.56
CA CYS A 305 8.37 -17.78 13.48
C CYS A 305 8.62 -18.32 12.08
N PHE A 306 8.07 -17.66 11.05
CA PHE A 306 8.44 -18.07 9.68
C PHE A 306 9.92 -17.91 9.39
N ILE A 307 10.62 -16.98 10.03
CA ILE A 307 12.06 -16.92 9.79
C ILE A 307 12.76 -18.12 10.43
N PHE A 308 12.43 -18.45 11.68
CA PHE A 308 13.29 -19.34 12.44
C PHE A 308 12.79 -20.76 12.66
N ILE A 309 11.50 -21.04 12.47
CA ILE A 309 11.01 -22.41 12.59
C ILE A 309 11.64 -23.36 11.57
N PRO A 310 11.79 -22.99 10.27
CA PRO A 310 12.55 -23.89 9.38
C PRO A 310 13.98 -24.14 9.81
N GLN A 311 14.64 -23.15 10.43
CA GLN A 311 16.01 -23.34 10.90
C GLN A 311 16.08 -24.40 11.99
N LEU A 312 15.15 -24.34 12.95
CA LEU A 312 15.13 -25.32 14.02
C LEU A 312 14.68 -26.68 13.53
N LYS A 313 13.76 -26.70 12.56
CA LYS A 313 13.32 -27.97 11.98
C LYS A 313 14.46 -28.66 11.25
N GLN A 314 15.27 -27.89 10.51
CA GLN A 314 16.41 -28.48 9.82
C GLN A 314 17.54 -28.82 10.79
N TRP A 315 17.66 -28.11 11.90
CA TRP A 315 18.65 -28.46 12.90
C TRP A 315 18.25 -29.67 13.74
N LYS A 316 16.95 -29.94 13.88
CA LYS A 316 16.51 -31.11 14.63
C LYS A 316 16.95 -32.40 13.96
N ALA A 317 16.90 -32.44 12.63
CA ALA A 317 17.31 -33.63 11.88
C ALA A 317 18.82 -33.71 11.70
N PHE A 318 19.57 -32.65 12.03
CA PHE A 318 21.01 -32.68 11.90
C PHE A 318 21.68 -32.37 13.23
N SER B 44 -15.14 30.51 -7.94
CA SER B 44 -15.18 29.06 -7.92
C SER B 44 -13.83 28.47 -8.29
N LEU B 45 -13.62 28.26 -9.59
CA LEU B 45 -12.36 27.74 -10.10
C LEU B 45 -11.88 28.63 -11.24
N SER B 46 -10.56 28.71 -11.38
CA SER B 46 -9.98 29.51 -12.44
C SER B 46 -10.26 28.89 -13.81
N PRO B 47 -10.53 29.70 -14.83
CA PRO B 47 -10.89 29.15 -16.15
C PRO B 47 -9.70 28.61 -16.92
N VAL B 48 -8.51 29.20 -16.72
CA VAL B 48 -7.33 28.77 -17.46
C VAL B 48 -6.90 27.37 -17.02
N LEU B 49 -6.92 27.12 -15.71
CA LEU B 49 -6.55 25.80 -15.19
C LEU B 49 -7.56 24.75 -15.64
N LEU B 50 -8.85 25.10 -15.64
CA LEU B 50 -9.86 24.18 -16.12
C LEU B 50 -9.65 23.88 -17.60
N GLY B 51 -9.28 24.89 -18.37
CA GLY B 51 -9.02 24.69 -19.79
C GLY B 51 -7.84 23.79 -20.06
N ILE B 52 -6.73 24.01 -19.36
CA ILE B 52 -5.55 23.18 -19.61
C ILE B 52 -5.76 21.75 -19.13
N VAL B 53 -6.47 21.58 -18.01
CA VAL B 53 -6.78 20.23 -17.52
C VAL B 53 -7.67 19.50 -18.49
N TRP B 54 -8.71 20.18 -19.01
CA TRP B 54 -9.62 19.55 -19.95
C TRP B 54 -8.91 19.22 -21.27
N THR B 55 -7.98 20.08 -21.70
CA THR B 55 -7.21 19.80 -22.90
C THR B 55 -6.34 18.56 -22.73
N PHE B 56 -5.64 18.46 -21.59
CA PHE B 56 -4.77 17.30 -21.37
C PHE B 56 -5.59 16.02 -21.27
N LEU B 57 -6.75 16.08 -20.60
CA LEU B 57 -7.58 14.89 -20.47
C LEU B 57 -8.19 14.49 -21.81
N SER B 58 -8.54 15.48 -22.65
CA SER B 58 -9.03 15.17 -23.99
C SER B 58 -7.96 14.52 -24.85
N CYS B 59 -6.73 15.01 -24.74
CA CYS B 59 -5.63 14.38 -25.48
C CYS B 59 -5.40 12.95 -25.02
N GLY B 60 -5.46 12.73 -23.70
CA GLY B 60 -5.33 11.37 -23.19
C GLY B 60 -6.44 10.46 -23.64
N LEU B 61 -7.68 10.96 -23.68
CA LEU B 61 -8.81 10.15 -24.12
C LEU B 61 -8.72 9.82 -25.60
N LEU B 62 -8.25 10.76 -26.42
CA LEU B 62 -8.03 10.47 -27.83
C LEU B 62 -6.92 9.44 -28.03
N LEU B 63 -5.87 9.52 -27.21
CA LEU B 63 -4.84 8.50 -27.23
C LEU B 63 -5.41 7.13 -26.87
N ILE B 64 -6.30 7.08 -25.88
CA ILE B 64 -6.92 5.83 -25.47
C ILE B 64 -7.78 5.27 -26.59
N LEU B 65 -8.52 6.13 -27.27
CA LEU B 65 -9.35 5.67 -28.39
C LEU B 65 -8.50 5.18 -29.55
N PHE B 66 -7.34 5.82 -29.77
CA PHE B 66 -6.42 5.33 -30.80
C PHE B 66 -5.86 3.96 -30.44
N PHE B 67 -5.51 3.75 -29.17
CA PHE B 67 -5.04 2.44 -28.74
C PHE B 67 -6.14 1.39 -28.88
N LEU B 68 -7.38 1.79 -28.58
CA LEU B 68 -8.52 0.89 -28.76
C LEU B 68 -8.71 0.53 -30.23
N ALA B 69 -8.56 1.50 -31.12
CA ALA B 69 -8.67 1.23 -32.55
C ALA B 69 -7.56 0.31 -33.03
N PHE B 70 -6.33 0.49 -32.53
CA PHE B 70 -5.24 -0.40 -32.90
C PHE B 70 -5.47 -1.82 -32.38
N THR B 71 -5.99 -1.94 -31.16
CA THR B 71 -6.24 -3.26 -30.60
C THR B 71 -7.35 -3.98 -31.35
N ILE B 72 -8.43 -3.26 -31.70
CA ILE B 72 -9.52 -3.87 -32.44
C ILE B 72 -9.08 -4.23 -33.86
N HIS B 73 -8.30 -3.38 -34.50
CA HIS B 73 -7.89 -3.62 -35.88
C HIS B 73 -6.90 -4.77 -35.98
N CYS B 74 -5.73 -4.62 -35.36
CA CYS B 74 -4.68 -5.63 -35.44
C CYS B 74 -4.77 -6.64 -34.30
N ARG B 75 -5.96 -7.20 -34.10
CA ARG B 75 -6.14 -8.21 -33.06
C ARG B 75 -5.56 -9.55 -33.49
N LYS B 76 -5.48 -9.81 -34.78
CA LYS B 76 -4.97 -11.07 -35.30
C LYS B 76 -3.48 -11.02 -35.62
N ASN B 77 -2.83 -9.89 -35.38
CA ASN B 77 -1.39 -9.83 -35.49
C ASN B 77 -0.75 -10.72 -34.44
N ARG B 78 0.37 -11.35 -34.79
CA ARG B 78 0.92 -12.42 -33.97
C ARG B 78 1.37 -11.92 -32.60
N ILE B 79 1.95 -10.71 -32.54
CA ILE B 79 2.46 -10.23 -31.26
C ILE B 79 1.33 -9.65 -30.41
N VAL B 80 0.30 -9.10 -31.05
CA VAL B 80 -0.88 -8.69 -30.30
C VAL B 80 -1.65 -9.91 -29.83
N LYS B 81 -1.67 -10.97 -30.64
CA LYS B 81 -2.31 -12.21 -30.21
C LYS B 81 -1.51 -12.88 -29.10
N MET B 82 -0.19 -12.69 -29.08
CA MET B 82 0.61 -13.23 -27.98
C MET B 82 0.47 -12.39 -26.73
N SER B 83 0.01 -11.15 -26.86
CA SER B 83 -0.52 -10.41 -25.73
C SER B 83 -1.99 -10.79 -25.57
N SER B 84 -2.72 -10.07 -24.74
CA SER B 84 -4.14 -10.34 -24.52
C SER B 84 -4.93 -9.11 -24.90
N PRO B 85 -5.35 -9.00 -26.17
CA PRO B 85 -6.10 -7.81 -26.60
C PRO B 85 -7.45 -7.67 -25.94
N ASN B 86 -8.13 -8.78 -25.65
CA ASN B 86 -9.43 -8.72 -25.01
C ASN B 86 -9.33 -8.15 -23.60
N LEU B 87 -8.26 -8.48 -22.88
CA LEU B 87 -8.02 -7.88 -21.58
C LEU B 87 -7.57 -6.43 -21.70
N ASN B 88 -6.89 -6.10 -22.80
CA ASN B 88 -6.54 -4.71 -23.06
C ASN B 88 -7.78 -3.85 -23.27
N ILE B 89 -8.86 -4.44 -23.81
CA ILE B 89 -10.11 -3.71 -23.93
C ILE B 89 -10.63 -3.32 -22.55
N VAL B 90 -10.55 -4.25 -21.59
CA VAL B 90 -11.02 -3.98 -20.24
C VAL B 90 -10.16 -2.92 -19.57
N THR B 91 -8.84 -3.00 -19.79
CA THR B 91 -7.94 -1.97 -19.27
C THR B 91 -8.27 -0.59 -19.83
N LEU B 92 -8.55 -0.51 -21.13
CA LEU B 92 -8.88 0.77 -21.75
C LEU B 92 -10.24 1.29 -21.27
N LEU B 93 -11.18 0.39 -20.99
CA LEU B 93 -12.45 0.83 -20.43
C LEU B 93 -12.27 1.41 -19.03
N GLY B 94 -11.45 0.78 -18.20
CA GLY B 94 -11.11 1.38 -16.92
C GLY B 94 -10.41 2.71 -17.06
N SER B 95 -9.56 2.83 -18.09
CA SER B 95 -8.86 4.09 -18.35
C SER B 95 -9.83 5.21 -18.71
N CYS B 96 -10.82 4.92 -19.54
CA CYS B 96 -11.75 5.99 -19.90
C CYS B 96 -12.68 6.30 -18.73
N LEU B 97 -12.99 5.31 -17.88
CA LEU B 97 -13.74 5.59 -16.67
C LEU B 97 -12.98 6.53 -15.72
N THR B 98 -11.69 6.29 -15.52
CA THR B 98 -10.96 7.16 -14.61
C THR B 98 -10.67 8.52 -15.24
N TYR B 99 -10.57 8.60 -16.56
CA TYR B 99 -10.48 9.90 -17.22
C TYR B 99 -11.78 10.70 -17.05
N SER B 100 -12.93 10.02 -17.14
CA SER B 100 -14.19 10.69 -16.87
C SER B 100 -14.31 11.10 -15.41
N SER B 101 -13.72 10.31 -14.51
CA SER B 101 -13.65 10.71 -13.10
C SER B 101 -12.88 12.01 -12.93
N ALA B 102 -11.72 12.10 -13.60
CA ALA B 102 -10.94 13.33 -13.54
C ALA B 102 -11.70 14.49 -14.16
N TYR B 103 -12.52 14.22 -15.18
CA TYR B 103 -13.38 15.26 -15.74
C TYR B 103 -14.40 15.74 -14.72
N LEU B 104 -15.05 14.82 -14.01
CA LEU B 104 -16.05 15.21 -13.02
C LEU B 104 -15.44 15.87 -11.79
N PHE B 105 -14.13 15.72 -11.58
CA PHE B 105 -13.50 16.44 -10.46
C PHE B 105 -13.56 17.95 -10.61
N GLY B 106 -13.76 18.47 -11.82
CA GLY B 106 -13.83 19.91 -12.01
C GLY B 106 -15.22 20.48 -11.87
N ILE B 107 -16.23 19.64 -11.86
CA ILE B 107 -17.62 20.10 -11.85
C ILE B 107 -17.94 20.65 -10.47
N GLN B 108 -17.96 21.97 -10.34
CA GLN B 108 -18.28 22.62 -9.08
C GLN B 108 -19.19 23.81 -9.37
N ASP B 109 -19.86 24.27 -8.30
CA ASP B 109 -20.84 25.36 -8.36
C ASP B 109 -21.96 25.06 -9.36
N VAL B 110 -22.35 23.79 -9.44
CA VAL B 110 -23.41 23.36 -10.34
C VAL B 110 -24.51 22.71 -9.52
N LEU B 111 -24.17 21.64 -8.80
CA LEU B 111 -25.13 20.93 -7.97
C LEU B 111 -24.98 21.33 -6.50
N SER B 115 -27.09 19.12 -5.14
CA SER B 115 -26.84 17.70 -4.98
C SER B 115 -25.38 17.38 -5.24
N MET B 116 -24.49 18.21 -4.68
CA MET B 116 -23.07 17.96 -4.79
C MET B 116 -22.67 16.68 -4.06
N GLU B 117 -23.45 16.32 -3.03
CA GLU B 117 -23.19 15.09 -2.27
C GLU B 117 -23.27 13.86 -3.17
N THR B 118 -24.17 13.86 -4.15
CA THR B 118 -24.21 12.76 -5.11
C THR B 118 -23.05 12.84 -6.10
N LEU B 119 -22.58 14.06 -6.41
CA LEU B 119 -21.48 14.20 -7.35
C LEU B 119 -20.19 13.63 -6.77
N ILE B 120 -19.97 13.81 -5.47
CA ILE B 120 -18.79 13.23 -4.82
C ILE B 120 -18.84 11.71 -4.89
N GLN B 121 -20.02 11.13 -4.63
CA GLN B 121 -20.21 9.68 -4.73
C GLN B 121 -19.91 9.20 -6.13
N THR B 122 -20.46 9.89 -7.13
CA THR B 122 -20.35 9.41 -8.50
C THR B 122 -18.99 9.68 -9.12
N ARG B 123 -18.17 10.54 -8.52
CA ARG B 123 -16.79 10.63 -8.99
C ARG B 123 -15.88 9.62 -8.29
N LEU B 124 -16.04 9.41 -6.98
CA LEU B 124 -15.14 8.48 -6.30
C LEU B 124 -15.45 7.03 -6.64
N SER B 125 -16.74 6.71 -6.84
CA SER B 125 -17.12 5.35 -7.23
C SER B 125 -16.53 4.98 -8.58
N MET B 126 -16.58 5.89 -9.54
CA MET B 126 -16.03 5.57 -10.85
C MET B 126 -14.51 5.59 -10.84
N LEU B 127 -13.89 6.39 -9.96
CA LEU B 127 -12.44 6.24 -9.74
C LEU B 127 -12.10 4.83 -9.29
N CYS B 128 -12.82 4.31 -8.30
CA CYS B 128 -12.47 3.00 -7.75
C CYS B 128 -12.75 1.89 -8.75
N ILE B 129 -13.87 1.97 -9.47
CA ILE B 129 -14.20 0.97 -10.47
C ILE B 129 -13.20 1.01 -11.62
N GLY B 130 -12.78 2.21 -12.04
CA GLY B 130 -11.78 2.32 -13.07
C GLY B 130 -10.42 1.77 -12.64
N THR B 131 -10.04 2.00 -11.39
CA THR B 131 -8.78 1.44 -10.90
C THR B 131 -8.83 -0.09 -10.87
N SER B 132 -9.97 -0.66 -10.47
CA SER B 132 -10.13 -2.10 -10.50
C SER B 132 -10.04 -2.64 -11.93
N LEU B 133 -10.71 -1.97 -12.86
CA LEU B 133 -10.71 -2.42 -14.25
C LEU B 133 -9.37 -2.21 -14.93
N VAL B 134 -8.54 -1.29 -14.44
CA VAL B 134 -7.23 -1.11 -15.03
C VAL B 134 -6.24 -2.13 -14.48
N PHE B 135 -6.24 -2.35 -13.16
CA PHE B 135 -5.24 -3.21 -12.55
C PHE B 135 -5.67 -4.67 -12.42
N GLY B 136 -6.85 -5.04 -12.91
CA GLY B 136 -7.23 -6.43 -12.98
C GLY B 136 -6.60 -7.21 -14.12
N PRO B 137 -6.88 -6.79 -15.37
CA PRO B 137 -6.36 -7.55 -16.52
C PRO B 137 -4.85 -7.66 -16.59
N ILE B 138 -4.11 -6.67 -16.08
CA ILE B 138 -2.65 -6.77 -16.08
C ILE B 138 -2.20 -7.91 -15.17
N LEU B 139 -2.81 -8.01 -13.99
CA LEU B 139 -2.50 -9.09 -13.07
C LEU B 139 -2.91 -10.44 -13.66
N GLY B 140 -4.06 -10.48 -14.34
CA GLY B 140 -4.47 -11.71 -15.00
C GLY B 140 -3.51 -12.16 -16.08
N LYS B 141 -3.05 -11.22 -16.90
CA LYS B 141 -2.07 -11.54 -17.94
C LYS B 141 -0.77 -12.04 -17.33
N SER B 142 -0.32 -11.41 -16.25
CA SER B 142 0.92 -11.85 -15.61
C SER B 142 0.74 -13.24 -14.99
N TRP B 143 -0.44 -13.53 -14.46
CA TRP B 143 -0.71 -14.85 -13.90
C TRP B 143 -0.72 -15.91 -14.98
N ARG B 144 -1.31 -15.60 -16.15
CA ARG B 144 -1.24 -16.54 -17.27
C ARG B 144 0.19 -16.75 -17.74
N LEU B 145 0.99 -15.68 -17.79
CA LEU B 145 2.39 -15.84 -18.21
C LEU B 145 3.14 -16.74 -17.24
N TYR B 146 2.93 -16.53 -15.94
CA TYR B 146 3.60 -17.36 -14.93
C TYR B 146 3.16 -18.81 -15.03
N LYS B 147 1.87 -19.04 -15.29
CA LYS B 147 1.40 -20.43 -15.39
C LYS B 147 1.85 -21.09 -16.68
N VAL B 148 1.95 -20.32 -17.77
CA VAL B 148 2.37 -20.89 -19.05
C VAL B 148 3.84 -21.26 -19.01
N PHE B 149 4.67 -20.38 -18.47
CA PHE B 149 6.11 -20.59 -18.52
C PHE B 149 6.66 -21.36 -17.34
N THR B 150 5.85 -21.66 -16.32
CA THR B 150 6.34 -22.44 -15.18
C THR B 150 5.48 -23.66 -14.90
N GLN B 151 4.87 -24.24 -15.93
CA GLN B 151 4.17 -25.51 -15.84
C GLN B 151 4.67 -26.43 -16.94
N ARG B 152 6.00 -26.54 -17.05
CA ARG B 152 6.66 -27.28 -18.13
C ARG B 152 6.59 -28.78 -17.83
N VAL B 153 5.37 -29.30 -17.87
CA VAL B 153 5.10 -30.73 -17.74
C VAL B 153 4.65 -31.24 -19.10
N PRO B 154 5.13 -32.41 -19.54
CA PRO B 154 4.60 -32.98 -20.78
C PRO B 154 3.12 -33.28 -20.65
N ASP B 155 2.39 -33.05 -21.74
CA ASP B 155 0.92 -33.01 -21.76
C ASP B 155 0.41 -32.02 -20.72
N LYS B 156 -0.83 -32.19 -20.27
CA LYS B 156 -1.43 -31.39 -19.21
C LYS B 156 -1.36 -29.89 -19.50
N ARG B 157 -1.60 -29.51 -20.76
CA ARG B 157 -1.44 -28.13 -21.19
C ARG B 157 -2.43 -27.23 -20.48
N VAL B 158 -1.98 -26.04 -20.11
CA VAL B 158 -2.83 -25.12 -19.36
C VAL B 158 -3.83 -24.48 -20.30
N ILE B 159 -5.10 -24.51 -19.91
CA ILE B 159 -6.15 -23.87 -20.69
C ILE B 159 -6.72 -22.74 -19.84
N ILE B 160 -6.14 -21.55 -19.97
CA ILE B 160 -6.67 -20.39 -19.26
C ILE B 160 -7.25 -19.45 -20.30
N LYS B 161 -8.53 -19.62 -20.59
CA LYS B 161 -9.20 -18.78 -21.56
C LYS B 161 -9.48 -17.40 -20.97
N ASP B 162 -9.84 -16.46 -21.85
CA ASP B 162 -10.05 -15.09 -21.40
C ASP B 162 -11.29 -14.96 -20.53
N LEU B 163 -12.23 -15.90 -20.65
CA LEU B 163 -13.45 -15.82 -19.85
C LEU B 163 -13.16 -16.04 -18.38
N GLN B 164 -12.19 -16.89 -18.06
CA GLN B 164 -11.78 -17.09 -16.67
C GLN B 164 -11.23 -15.81 -16.07
N LEU B 165 -10.45 -15.07 -16.85
CA LEU B 165 -9.86 -13.84 -16.32
C LEU B 165 -10.88 -12.72 -16.25
N LEU B 166 -11.83 -12.68 -17.19
CA LEU B 166 -12.95 -11.75 -17.03
C LEU B 166 -13.77 -12.12 -15.80
N GLY B 167 -13.85 -13.40 -15.46
CA GLY B 167 -14.49 -13.79 -14.22
C GLY B 167 -13.74 -13.31 -12.99
N LEU B 168 -12.41 -13.39 -13.04
CA LEU B 168 -11.60 -12.89 -11.92
C LEU B 168 -11.73 -11.37 -11.78
N VAL B 169 -11.73 -10.66 -12.91
CA VAL B 169 -11.93 -9.21 -12.88
C VAL B 169 -13.34 -8.88 -12.39
N ALA B 170 -14.31 -9.72 -12.73
CA ALA B 170 -15.67 -9.53 -12.24
C ALA B 170 -15.77 -9.76 -10.75
N ALA B 171 -15.01 -10.72 -10.22
CA ALA B 171 -14.99 -10.94 -8.77
C ALA B 171 -14.35 -9.76 -8.05
N LEU B 172 -13.25 -9.23 -8.60
CA LEU B 172 -12.62 -8.04 -8.04
C LEU B 172 -13.57 -6.85 -8.06
N LEU B 173 -14.27 -6.67 -9.18
CA LEU B 173 -15.26 -5.60 -9.29
C LEU B 173 -16.46 -5.84 -8.39
N MET B 174 -16.79 -7.10 -8.11
CA MET B 174 -17.88 -7.39 -7.18
C MET B 174 -17.51 -7.01 -5.76
N ALA B 175 -16.26 -7.29 -5.37
CA ALA B 175 -15.77 -6.79 -4.09
C ALA B 175 -15.81 -5.28 -4.05
N ASP B 176 -15.44 -4.64 -5.17
CA ASP B 176 -15.48 -3.19 -5.25
C ASP B 176 -16.91 -2.66 -5.07
N VAL B 177 -17.88 -3.29 -5.73
CA VAL B 177 -19.23 -2.73 -5.69
C VAL B 177 -19.91 -3.05 -4.36
N ILE B 178 -19.55 -4.14 -3.69
CA ILE B 178 -20.15 -4.35 -2.36
C ILE B 178 -19.55 -3.37 -1.35
N LEU B 179 -18.25 -3.05 -1.48
CA LEU B 179 -17.68 -2.02 -0.61
C LEU B 179 -18.31 -0.65 -0.89
N LEU B 180 -18.49 -0.31 -2.17
CA LEU B 180 -19.07 0.98 -2.50
C LEU B 180 -20.55 1.05 -2.11
N MET B 181 -21.27 -0.07 -2.23
CA MET B 181 -22.67 -0.08 -1.81
C MET B 181 -22.80 0.06 -0.31
N THR B 182 -21.92 -0.58 0.46
CA THR B 182 -21.93 -0.39 1.90
C THR B 182 -21.62 1.05 2.26
N TRP B 183 -20.65 1.66 1.56
CA TRP B 183 -20.32 3.06 1.81
C TRP B 183 -21.47 3.99 1.49
N VAL B 184 -22.16 3.76 0.37
CA VAL B 184 -23.24 4.66 0.00
C VAL B 184 -24.53 4.39 0.76
N LEU B 185 -24.67 3.23 1.40
CA LEU B 185 -25.90 2.94 2.11
C LEU B 185 -25.80 3.21 3.61
N THR B 186 -24.67 2.90 4.23
CA THR B 186 -24.56 3.03 5.68
C THR B 186 -24.24 4.46 6.10
N ASP B 187 -23.18 5.05 5.54
CA ASP B 187 -22.76 6.40 5.87
C ASP B 187 -22.56 7.20 4.59
N PRO B 188 -23.63 7.72 4.01
CA PRO B 188 -23.49 8.52 2.80
C PRO B 188 -22.81 9.85 3.07
N ILE B 189 -22.16 10.37 2.04
CA ILE B 189 -21.52 11.67 2.15
C ILE B 189 -22.59 12.75 2.14
N GLN B 190 -22.58 13.60 3.16
CA GLN B 190 -23.54 14.70 3.25
C GLN B 190 -22.77 16.02 3.28
N CYS B 191 -23.26 17.00 2.54
CA CYS B 191 -22.61 18.31 2.50
C CYS B 191 -23.20 19.16 3.61
N LEU B 192 -22.42 19.40 4.66
CA LEU B 192 -22.88 20.11 5.84
C LEU B 192 -22.01 21.34 6.09
N GLN B 193 -22.66 22.44 6.47
CA GLN B 193 -21.98 23.68 6.85
C GLN B 193 -22.19 23.91 8.34
N ILE B 194 -21.10 24.02 9.08
CA ILE B 194 -21.14 24.15 10.54
C ILE B 194 -20.34 25.37 10.96
N LEU B 195 -20.91 26.15 11.88
CA LEU B 195 -20.21 27.23 12.55
C LEU B 195 -20.05 26.88 14.02
N SER B 196 -18.85 27.11 14.56
CA SER B 196 -18.56 26.69 15.91
C SER B 196 -17.49 27.58 16.51
N VAL B 197 -17.43 27.59 17.84
CA VAL B 197 -16.39 28.27 18.58
C VAL B 197 -15.77 27.27 19.54
N SER B 198 -14.46 27.35 19.71
CA SER B 198 -13.72 26.43 20.58
C SER B 198 -12.87 27.24 21.55
N MET B 199 -12.93 26.87 22.82
CA MET B 199 -12.14 27.51 23.87
C MET B 199 -11.15 26.46 24.38
N THR B 200 -10.01 26.37 23.70
CA THR B 200 -8.99 25.39 24.05
C THR B 200 -8.03 25.95 25.10
N VAL B 201 -7.39 25.04 25.83
CA VAL B 201 -6.37 25.40 26.81
C VAL B 201 -5.13 24.55 26.55
N THR B 202 -3.98 25.20 26.53
CA THR B 202 -2.71 24.52 26.36
C THR B 202 -2.14 24.19 27.74
N GLY B 203 -0.85 23.85 27.79
CA GLY B 203 -0.20 23.58 29.07
C GLY B 203 -0.18 24.79 30.00
N LYS B 204 -0.03 25.99 29.43
CA LYS B 204 0.02 27.20 30.24
C LYS B 204 -0.81 28.36 29.70
N ASP B 205 -1.46 28.21 28.55
CA ASP B 205 -2.19 29.30 27.91
C ASP B 205 -3.60 28.85 27.53
N VAL B 206 -4.51 29.81 27.50
CA VAL B 206 -5.90 29.59 27.11
C VAL B 206 -6.20 30.48 25.90
N SER B 207 -6.77 29.88 24.85
CA SER B 207 -7.09 30.62 23.64
C SER B 207 -8.47 30.21 23.14
N CYS B 208 -9.12 31.12 22.43
CA CYS B 208 -10.45 30.90 21.88
C CYS B 208 -10.43 31.18 20.39
N THR B 209 -10.98 30.25 19.60
CA THR B 209 -11.03 30.37 18.15
C THR B 209 -12.45 30.17 17.68
N SER B 210 -12.85 30.96 16.68
CA SER B 210 -14.16 30.84 16.05
C SER B 210 -13.95 30.29 14.65
N THR B 211 -14.10 28.98 14.49
CA THR B 211 -13.85 28.31 13.23
C THR B 211 -15.17 27.94 12.58
N SER B 212 -15.38 28.45 11.36
CA SER B 212 -16.55 28.12 10.56
C SER B 212 -16.08 27.55 9.23
N THR B 213 -16.55 26.35 8.90
CA THR B 213 -16.09 25.66 7.72
C THR B 213 -17.26 24.96 7.04
N HIS B 214 -17.08 24.68 5.76
CA HIS B 214 -18.05 23.92 4.97
C HIS B 214 -17.29 22.82 4.22
N PHE B 215 -17.55 21.58 4.59
CA PHE B 215 -16.97 20.42 3.93
C PHE B 215 -18.08 19.43 3.64
N CYS B 216 -17.88 18.63 2.60
CA CYS B 216 -18.87 17.63 2.21
C CYS B 216 -18.17 16.28 2.29
N ALA B 217 -18.40 15.55 3.38
CA ALA B 217 -17.62 14.36 3.67
C ALA B 217 -18.43 13.42 4.55
N SER B 218 -18.00 12.17 4.58
CA SER B 218 -18.67 11.14 5.37
C SER B 218 -18.41 11.34 6.86
N ARG B 219 -19.34 10.84 7.67
CA ARG B 219 -19.17 10.90 9.12
C ARG B 219 -18.14 9.90 9.61
N TYR B 220 -17.97 8.80 8.89
CA TYR B 220 -16.98 7.78 9.23
C TYR B 220 -16.00 7.62 8.08
N SER B 221 -15.49 8.75 7.58
CA SER B 221 -14.79 8.79 6.30
C SER B 221 -13.52 7.96 6.32
N ASP B 222 -12.78 8.02 7.41
CA ASP B 222 -11.51 7.31 7.47
C ASP B 222 -11.70 5.81 7.53
N VAL B 223 -12.86 5.32 7.98
CA VAL B 223 -13.16 3.90 7.91
C VAL B 223 -13.24 3.45 6.47
N TRP B 224 -13.95 4.20 5.63
CA TRP B 224 -14.10 3.84 4.23
C TRP B 224 -12.79 4.02 3.47
N ILE B 225 -12.03 5.06 3.81
CA ILE B 225 -10.72 5.27 3.20
C ILE B 225 -9.80 4.10 3.53
N ALA B 226 -9.75 3.70 4.80
CA ALA B 226 -8.92 2.58 5.20
C ALA B 226 -9.35 1.30 4.53
N LEU B 227 -10.67 1.08 4.41
CA LEU B 227 -11.17 -0.14 3.79
C LEU B 227 -10.78 -0.22 2.32
N ILE B 228 -11.07 0.84 1.55
CA ILE B 228 -10.88 0.76 0.11
C ILE B 228 -9.40 0.84 -0.26
N TRP B 229 -8.65 1.78 0.32
CA TRP B 229 -7.20 1.75 0.18
C TRP B 229 -6.54 0.47 0.68
N GLY B 230 -7.09 -0.20 1.70
CA GLY B 230 -6.49 -1.45 2.15
C GLY B 230 -6.74 -2.60 1.21
N CYS B 231 -7.96 -2.70 0.68
CA CYS B 231 -8.26 -3.74 -0.31
C CYS B 231 -7.44 -3.52 -1.58
N LYS B 232 -7.36 -2.27 -2.03
CA LYS B 232 -6.49 -1.95 -3.17
C LYS B 232 -5.04 -2.23 -2.83
N GLY B 233 -4.63 -2.02 -1.57
CA GLY B 233 -3.26 -2.29 -1.19
C GLY B 233 -2.91 -3.75 -1.25
N LEU B 234 -3.81 -4.62 -0.79
CA LEU B 234 -3.59 -6.05 -0.90
C LEU B 234 -3.52 -6.47 -2.37
N LEU B 235 -4.41 -5.91 -3.20
CA LEU B 235 -4.40 -6.22 -4.63
C LEU B 235 -3.09 -5.79 -5.28
N LEU B 236 -2.60 -4.60 -4.94
CA LEU B 236 -1.38 -4.11 -5.57
C LEU B 236 -0.14 -4.80 -5.02
N LEU B 237 -0.18 -5.31 -3.79
CA LEU B 237 0.95 -6.08 -3.30
C LEU B 237 1.01 -7.45 -3.98
N TYR B 238 -0.15 -8.08 -4.21
CA TYR B 238 -0.13 -9.29 -5.01
C TYR B 238 0.28 -9.00 -6.45
N GLY B 239 -0.04 -7.81 -6.95
CA GLY B 239 0.44 -7.41 -8.26
C GLY B 239 1.95 -7.28 -8.32
N ALA B 240 2.54 -6.72 -7.26
CA ALA B 240 4.00 -6.65 -7.18
C ALA B 240 4.61 -8.04 -7.09
N TYR B 241 3.94 -8.95 -6.39
CA TYR B 241 4.40 -10.34 -6.34
C TYR B 241 4.38 -10.98 -7.72
N LEU B 242 3.31 -10.72 -8.49
CA LEU B 242 3.22 -11.28 -9.84
C LEU B 242 4.25 -10.65 -10.77
N ALA B 243 4.51 -9.36 -10.61
CA ALA B 243 5.55 -8.70 -11.40
C ALA B 243 6.92 -9.27 -11.08
N GLY B 244 7.16 -9.60 -9.81
CA GLY B 244 8.41 -10.24 -9.45
C GLY B 244 8.53 -11.64 -10.02
N LEU B 245 7.45 -12.43 -9.96
CA LEU B 245 7.48 -13.80 -10.47
C LEU B 245 7.75 -13.84 -11.95
N THR B 246 7.15 -12.91 -12.69
CA THR B 246 7.30 -12.82 -14.15
C THR B 246 8.34 -11.79 -14.54
N GLY B 247 9.40 -11.66 -13.75
CA GLY B 247 10.35 -10.58 -13.97
C GLY B 247 11.13 -10.73 -15.26
N HIS B 248 11.58 -11.94 -15.57
CA HIS B 248 12.36 -12.20 -16.77
C HIS B 248 11.72 -13.32 -17.58
N VAL B 249 10.41 -13.21 -17.79
CA VAL B 249 9.67 -14.30 -18.39
C VAL B 249 9.54 -14.15 -19.91
N SER B 250 9.57 -12.92 -20.43
CA SER B 250 9.42 -12.69 -21.86
C SER B 250 9.91 -11.29 -22.19
N SER B 251 9.67 -10.87 -23.41
CA SER B 251 9.98 -9.51 -23.86
C SER B 251 9.00 -8.51 -23.25
N PRO B 252 9.37 -7.24 -23.20
CA PRO B 252 8.47 -6.21 -22.66
C PRO B 252 7.13 -6.09 -23.38
N PRO B 253 7.00 -6.44 -24.69
CA PRO B 253 5.64 -6.51 -25.25
C PRO B 253 4.70 -7.47 -24.54
N VAL B 254 5.21 -8.62 -24.07
CA VAL B 254 4.38 -9.60 -23.38
C VAL B 254 4.51 -9.49 -21.87
N ASN B 255 5.74 -9.36 -21.36
CA ASN B 255 5.96 -9.23 -19.93
C ASN B 255 5.47 -7.86 -19.46
N GLN B 256 4.85 -7.85 -18.28
CA GLN B 256 4.24 -6.66 -17.72
C GLN B 256 4.80 -6.33 -16.35
N SER B 257 6.07 -6.66 -16.11
CA SER B 257 6.68 -6.40 -14.81
C SER B 257 6.89 -4.91 -14.58
N LEU B 258 7.46 -4.23 -15.57
CA LEU B 258 7.80 -2.83 -15.43
C LEU B 258 6.55 -1.96 -15.31
N THR B 259 5.52 -2.27 -16.09
CA THR B 259 4.29 -1.48 -16.00
C THR B 259 3.60 -1.68 -14.65
N ILE B 260 3.63 -2.90 -14.11
CA ILE B 260 3.02 -3.13 -12.81
C ILE B 260 3.78 -2.38 -11.73
N MET B 261 5.11 -2.46 -11.74
CA MET B 261 5.89 -1.81 -10.70
C MET B 261 5.80 -0.29 -10.77
N VAL B 262 5.90 0.27 -11.98
CA VAL B 262 5.77 1.72 -12.14
C VAL B 262 4.38 2.18 -11.73
N GLY B 263 3.35 1.45 -12.16
CA GLY B 263 1.99 1.86 -11.84
C GLY B 263 1.68 1.75 -10.37
N VAL B 264 2.21 0.73 -9.71
CA VAL B 264 1.91 0.57 -8.29
C VAL B 264 2.64 1.63 -7.47
N ASN B 265 3.88 1.97 -7.85
CA ASN B 265 4.59 3.03 -7.13
C ASN B 265 3.92 4.38 -7.34
N LEU B 266 3.54 4.68 -8.58
CA LEU B 266 2.84 5.92 -8.86
C LEU B 266 1.47 5.96 -8.21
N LEU B 267 0.82 4.81 -8.08
CA LEU B 267 -0.50 4.76 -7.45
C LEU B 267 -0.39 5.08 -5.97
N VAL B 268 0.60 4.50 -5.28
CA VAL B 268 0.78 4.79 -3.87
C VAL B 268 1.14 6.25 -3.65
N LEU B 269 2.06 6.78 -4.46
CA LEU B 269 2.47 8.17 -4.31
C LEU B 269 1.31 9.13 -4.57
N ALA B 270 0.56 8.89 -5.66
CA ALA B 270 -0.57 9.75 -5.98
C ALA B 270 -1.67 9.66 -4.93
N ALA B 271 -1.96 8.46 -4.44
CA ALA B 271 -3.01 8.30 -3.43
C ALA B 271 -2.66 9.04 -2.15
N GLY B 272 -1.41 8.88 -1.68
CA GLY B 272 -1.01 9.58 -0.46
C GLY B 272 -1.02 11.09 -0.62
N LEU B 273 -0.45 11.59 -1.72
CA LEU B 273 -0.38 13.03 -1.94
C LEU B 273 -1.76 13.63 -2.07
N LEU B 274 -2.65 12.98 -2.82
CA LEU B 274 -3.97 13.55 -3.03
C LEU B 274 -4.83 13.46 -1.79
N PHE B 275 -4.65 12.40 -0.98
CA PHE B 275 -5.36 12.33 0.31
C PHE B 275 -4.94 13.47 1.21
N VAL B 276 -3.63 13.74 1.29
CA VAL B 276 -3.13 14.82 2.15
C VAL B 276 -3.64 16.17 1.67
N VAL B 277 -3.51 16.45 0.37
CA VAL B 277 -3.86 17.78 -0.12
C VAL B 277 -5.36 17.98 -0.18
N THR B 278 -6.13 16.89 -0.23
CA THR B 278 -7.57 17.04 -0.12
C THR B 278 -7.99 17.28 1.33
N ARG B 279 -7.31 16.63 2.28
CA ARG B 279 -7.70 16.77 3.67
C ARG B 279 -7.34 18.15 4.22
N TYR B 280 -6.14 18.63 3.91
CA TYR B 280 -5.63 19.81 4.60
C TYR B 280 -5.71 21.10 3.79
N LEU B 281 -5.95 21.02 2.48
CA LEU B 281 -6.01 22.22 1.65
C LEU B 281 -7.42 22.34 1.07
N HIS B 282 -8.32 22.95 1.84
CA HIS B 282 -9.62 23.34 1.36
C HIS B 282 -9.67 24.81 0.98
N SER B 283 -8.72 25.61 1.44
CA SER B 283 -8.62 27.01 1.07
C SER B 283 -7.91 27.21 -0.25
N TRP B 284 -7.46 26.13 -0.88
CA TRP B 284 -6.79 26.20 -2.18
C TRP B 284 -7.49 25.23 -3.14
N PRO B 285 -8.64 25.64 -3.69
CA PRO B 285 -9.40 24.72 -4.55
C PRO B 285 -8.72 24.44 -5.88
N ASN B 286 -8.06 25.46 -6.46
CA ASN B 286 -7.37 25.26 -7.73
C ASN B 286 -6.23 24.27 -7.58
N LEU B 287 -5.51 24.36 -6.46
CA LEU B 287 -4.38 23.45 -6.24
C LEU B 287 -4.83 22.01 -6.11
N VAL B 288 -5.88 21.76 -5.32
CA VAL B 288 -6.33 20.38 -5.13
C VAL B 288 -6.95 19.83 -6.41
N PHE B 289 -7.70 20.67 -7.15
CA PHE B 289 -8.27 20.21 -8.41
C PHE B 289 -7.19 19.88 -9.43
N GLY B 290 -6.20 20.77 -9.58
CA GLY B 290 -5.13 20.52 -10.52
C GLY B 290 -4.29 19.32 -10.14
N LEU B 291 -3.99 19.16 -8.86
CA LEU B 291 -3.18 18.04 -8.42
C LEU B 291 -3.90 16.72 -8.61
N THR B 292 -5.20 16.68 -8.31
CA THR B 292 -5.98 15.45 -8.50
C THR B 292 -6.06 15.08 -9.98
N SER B 293 -6.37 16.06 -10.83
CA SER B 293 -6.48 15.80 -12.26
C SER B 293 -5.14 15.38 -12.85
N GLY B 294 -4.06 16.05 -12.45
CA GLY B 294 -2.75 15.68 -12.94
C GLY B 294 -2.29 14.32 -12.48
N GLY B 295 -2.60 13.96 -11.23
CA GLY B 295 -2.23 12.64 -10.75
C GLY B 295 -2.95 11.54 -11.49
N ILE B 296 -4.26 11.70 -11.69
CA ILE B 296 -5.04 10.72 -12.42
C ILE B 296 -4.53 10.61 -13.86
N PHE B 297 -4.29 11.75 -14.50
CA PHE B 297 -3.83 11.76 -15.88
C PHE B 297 -2.45 11.10 -16.02
N VAL B 298 -1.53 11.43 -15.11
CA VAL B 298 -0.18 10.89 -15.18
C VAL B 298 -0.20 9.38 -14.98
N CYS B 299 -0.93 8.91 -13.95
CA CYS B 299 -0.97 7.48 -13.67
C CYS B 299 -1.58 6.69 -14.83
N THR B 300 -2.74 7.15 -15.32
CA THR B 300 -3.41 6.42 -16.39
C THR B 300 -2.63 6.48 -17.69
N THR B 301 -2.04 7.64 -18.02
CA THR B 301 -1.28 7.77 -19.25
C THR B 301 -0.02 6.92 -19.23
N THR B 302 0.72 6.91 -18.11
CA THR B 302 1.91 6.08 -18.03
C THR B 302 1.57 4.60 -18.09
N ILE B 303 0.49 4.17 -17.43
CA ILE B 303 0.09 2.77 -17.50
C ILE B 303 -0.25 2.37 -18.93
N ASN B 304 -1.09 3.18 -19.60
CA ASN B 304 -1.53 2.80 -20.93
C ASN B 304 -0.39 2.90 -21.95
N CYS B 305 0.51 3.86 -21.78
CA CYS B 305 1.68 3.95 -22.66
C CYS B 305 2.59 2.75 -22.46
N PHE B 306 2.82 2.36 -21.21
CA PHE B 306 3.67 1.20 -20.93
C PHE B 306 3.05 -0.08 -21.48
N ILE B 307 1.73 -0.16 -21.49
CA ILE B 307 1.07 -1.33 -22.05
C ILE B 307 1.20 -1.34 -23.58
N PHE B 308 0.95 -0.21 -24.23
CA PHE B 308 0.65 -0.25 -25.65
C PHE B 308 1.78 0.23 -26.57
N ILE B 309 2.70 1.07 -26.08
CA ILE B 309 3.77 1.57 -26.96
C ILE B 309 4.69 0.47 -27.49
N PRO B 310 5.17 -0.49 -26.68
CA PRO B 310 5.96 -1.58 -27.27
C PRO B 310 5.21 -2.43 -28.29
N GLN B 311 3.89 -2.60 -28.13
CA GLN B 311 3.12 -3.32 -29.14
C GLN B 311 3.14 -2.58 -30.47
N LEU B 312 2.98 -1.26 -30.42
CA LEU B 312 3.03 -0.47 -31.65
C LEU B 312 4.43 -0.46 -32.24
N LYS B 313 5.45 -0.49 -31.39
CA LYS B 313 6.82 -0.53 -31.87
C LYS B 313 7.14 -1.84 -32.58
N GLN B 314 6.68 -2.96 -32.03
CA GLN B 314 7.01 -4.27 -32.57
C GLN B 314 5.92 -4.86 -33.44
N TRP B 315 4.89 -4.08 -33.78
CA TRP B 315 3.83 -4.59 -34.66
C TRP B 315 4.35 -4.88 -36.06
N LYS B 316 5.26 -4.04 -36.56
CA LYS B 316 5.75 -4.19 -37.93
C LYS B 316 6.57 -5.46 -38.09
N ALA B 317 7.37 -5.82 -37.08
CA ALA B 317 8.31 -6.92 -37.21
C ALA B 317 7.62 -8.28 -37.29
N PHE B 318 6.34 -8.36 -36.95
CA PHE B 318 5.58 -9.61 -37.01
C PHE B 318 4.32 -9.42 -37.84
N GLU B 319 4.42 -8.68 -38.94
CA GLU B 319 3.27 -8.45 -39.81
C GLU B 319 3.45 -9.06 -41.19
N GLU B 320 4.51 -8.72 -41.90
CA GLU B 320 4.59 -9.03 -43.33
C GLU B 320 5.24 -10.38 -43.59
N GLU B 321 6.49 -10.57 -43.19
CA GLU B 321 7.22 -11.77 -43.60
C GLU B 321 6.84 -12.97 -42.73
N ASN B 322 7.18 -12.91 -41.44
CA ASN B 322 6.90 -13.98 -40.48
C ASN B 322 7.36 -15.35 -40.99
N GLN B 323 8.65 -15.44 -41.34
CA GLN B 323 9.18 -16.65 -41.95
C GLN B 323 9.12 -17.84 -41.00
N THR B 324 9.68 -17.68 -39.80
CA THR B 324 9.68 -18.73 -38.80
C THR B 324 9.29 -18.11 -37.46
N ILE B 325 9.16 -18.98 -36.45
CA ILE B 325 8.96 -18.50 -35.08
C ILE B 325 10.26 -18.08 -34.42
N ARG B 326 11.39 -18.25 -35.11
CA ARG B 326 12.66 -17.73 -34.62
C ARG B 326 12.68 -16.21 -34.61
N ARG B 327 11.75 -15.56 -35.32
CA ARG B 327 11.60 -14.12 -35.23
C ARG B 327 11.15 -13.69 -33.84
N MET B 328 10.43 -14.56 -33.14
CA MET B 328 10.06 -14.34 -31.73
C MET B 328 10.76 -15.40 -30.89
N ALA B 329 12.02 -15.12 -30.53
CA ALA B 329 12.78 -15.98 -29.65
C ALA B 329 12.91 -15.40 -28.24
N LYS B 330 13.00 -14.08 -28.12
CA LYS B 330 13.02 -13.44 -26.81
C LYS B 330 11.67 -13.50 -26.13
N TYR B 331 10.60 -13.76 -26.89
CA TYR B 331 9.26 -13.89 -26.34
C TYR B 331 9.01 -15.26 -25.73
N PHE B 332 9.93 -16.21 -25.95
CA PHE B 332 9.87 -17.51 -25.32
C PHE B 332 10.92 -17.66 -24.23
N SER B 333 11.40 -16.56 -23.66
CA SER B 333 12.54 -16.59 -22.77
C SER B 333 12.17 -17.15 -21.39
N THR B 334 13.18 -17.29 -20.54
CA THR B 334 13.01 -17.84 -19.21
C THR B 334 14.22 -17.42 -18.37
N PRO B 335 14.06 -17.30 -17.05
CA PRO B 335 15.22 -17.04 -16.18
C PRO B 335 16.17 -18.22 -16.12
O12 A1LYA C . -4.99 8.54 16.00
P A1LYA C . -5.14 10.03 15.80
O14 A1LYA C . -5.59 10.30 14.39
O13 A1LYA C . -6.28 10.63 16.90
C11 A1LYA C . -6.62 12.02 16.80
C12 A1LYA C . -7.83 12.15 15.84
N A1LYA C . -8.02 13.55 15.38
C13 A1LYA C . -8.26 14.41 16.51
C14 A1LYA C . -6.81 13.99 14.68
C15 A1LYA C . -9.16 13.61 14.48
O11 A1LYA C . -3.68 10.79 16.08
C1 A1LYA C . -2.55 10.37 15.31
C2 A1LYA C . -1.26 10.63 16.13
O21 A1LYA C . -0.19 10.24 15.35
C21 A1LYA C . 0.55 11.29 14.86
O22 A1LYA C . 0.57 12.33 15.44
C22 A1LYA C . 1.33 11.13 13.58
C23 A1LYA C . 2.63 10.37 13.79
C24 A1LYA C . 2.69 9.03 13.03
C25 A1LYA C . 3.33 7.91 13.89
C26 A1LYA C . 3.95 6.76 13.01
C27 A1LYA C . 3.00 5.52 12.99
C28 A1LYA C . 3.68 4.26 13.60
C29 A1LYA C . 3.09 2.94 13.03
C2A A1LYA C . 4.09 1.76 13.13
C2B A1LYA C . 4.02 0.85 11.89
C2C A1LYA C . 5.01 1.33 10.79
C2D A1LYA C . 4.85 0.53 9.46
C2E A1LYA C . 3.36 0.46 9.00
C2F A1LYA C . 3.06 1.46 7.87
C2G A1LYA C . 2.03 0.91 6.86
C2H A1LYA C . 2.44 -0.50 6.36
C2I A1LYA C . 2.01 -0.74 4.92
C3 A1LYA C . -1.20 9.82 17.45
O31 A1LYA C . -2.13 8.76 17.32
C31 A1LYA C . -1.51 7.50 17.16
O32 A1LYA C . -0.99 6.98 18.09
C32 A1LYA C . -1.51 6.83 15.77
C33 A1LYA C . -2.17 5.44 15.75
C34 A1LYA C . -1.24 4.34 16.30
C35 A1LYA C . -1.37 3.05 15.49
C36 A1LYA C . 0.01 2.58 15.00
C37 A1LYA C . 0.35 1.19 15.53
C38 A1LYA C . -0.22 0.12 14.59
C39 A1LYA C . 0.91 -0.51 13.78
C3A A1LYA C . 0.90 -1.82 13.62
C3B A1LYA C . 2.01 -2.49 12.81
C3C A1LYA C . 2.86 -3.40 13.72
C3D A1LYA C . 3.70 -4.42 12.91
C3E A1LYA C . 5.16 -4.52 13.42
C3F A1LYA C . 5.76 -5.92 13.12
C3G A1LYA C . 7.02 -5.83 12.24
O12 A1LYA D . -10.96 14.38 2.41
P A1LYA D . -11.76 14.64 3.68
O14 A1LYA D . -10.96 14.20 4.86
O13 A1LYA D . -12.16 16.27 3.79
C11 A1LYA D . -12.95 16.72 4.88
C12 A1LYA D . -12.01 16.98 6.09
N A1LYA D . -12.64 16.62 7.39
C13 A1LYA D . -13.62 17.61 7.74
C14 A1LYA D . -13.28 15.30 7.32
C15 A1LYA D . -11.61 16.59 8.42
O11 A1LYA D . -13.17 13.74 3.62
C1 A1LYA D . -13.05 12.34 3.36
C2 A1LYA D . -14.20 11.95 2.40
O21 A1LYA D . -13.72 10.93 1.61
C21 A1LYA D . -14.40 9.74 1.71
O22 A1LYA D . -15.23 9.57 2.54
C22 A1LYA D . -14.07 8.63 0.74
C23 A1LYA D . -14.68 7.30 1.11
C24 A1LYA D . -13.93 6.17 0.37
C25 A1LYA D . -14.07 6.33 -1.17
C26 A1LYA D . -12.82 5.81 -1.94
C27 A1LYA D . -12.45 6.76 -3.13
C28 A1LYA D . -11.72 5.98 -4.26
C29 A1LYA D . -10.20 6.36 -4.31
C2A A1LYA D . -9.54 6.05 -5.67
C2B A1LYA D . -9.64 4.54 -6.03
C2C A1LYA D . -8.60 3.71 -5.22
C2D A1LYA D . -7.19 3.83 -5.84
C2E A1LYA D . -6.13 4.24 -4.78
C2F A1LYA D . -5.68 3.04 -3.91
C2G A1LYA D . -4.14 2.91 -3.88
C2H A1LYA D . -3.62 2.44 -2.52
C2I A1LYA D . -2.19 2.92 -2.26
C3 A1LYA D . -14.61 13.13 1.47
O31 A1LYA D . -14.26 12.81 0.14
C31 A1LYA D . -13.23 13.62 -0.39
O32 A1LYA D . -12.83 14.57 0.21
C32 A1LYA D . -12.63 13.29 -1.78
C33 A1LYA D . -11.19 12.73 -1.69
C34 A1LYA D . -10.63 12.42 -3.09
C35 A1LYA D . -9.65 11.23 -3.09
C36 A1LYA D . -8.66 11.30 -4.26
C37 A1LYA D . -8.24 9.93 -4.77
C38 A1LYA D . -6.89 10.00 -5.49
C39 A1LYA D . -6.55 8.68 -6.19
C3A A1LYA D . -5.60 8.67 -7.10
C3B A1LYA D . -5.21 7.36 -7.83
C3C A1LYA D . -5.92 7.32 -9.20
C3D A1LYA D . -4.99 6.77 -10.32
C3E A1LYA D . -5.63 5.59 -11.09
C3F A1LYA D . -4.63 4.93 -12.07
C3G A1LYA D . -4.97 3.46 -12.37
#